data_9H5N
#
_entry.id   9H5N
#
_cell.length_a   90.931
_cell.length_b   98.260
_cell.length_c   145.661
_cell.angle_alpha   90.000
_cell.angle_beta   90.000
_cell.angle_gamma   90.000
#
_symmetry.space_group_name_H-M   'C 2 2 21'
#
loop_
_entity.id
_entity.type
_entity.pdbx_description
1 polymer 'Thrombin light chain'
2 polymer Prothrombin
3 non-polymer ~{N}-[(3~{S})-4-[3-(2-azanyl-2-oxidanylidene-ethyl)sulfanylpropylamino]-4-oxidanylidene-3-(2-phenylethanoylamino)butyl]-5-chloranyl-thiophene-2-carboxamide
4 non-polymer 2-acetamido-2-deoxy-beta-D-glucopyranose
#
loop_
_entity_poly.entity_id
_entity_poly.type
_entity_poly.pdbx_seq_one_letter_code
_entity_poly.pdbx_strand_id
1 'polypeptide(L)' TATSEYQTFFNPRTFGSGEADCGLRPLFEKKSLEDKTERELLESYIDGR A,C
2 'polypeptide(L)'
;IVEGSDAEIGMSPWQVMLFRKSPQELLCGASLISDRWVLTAAHCLLYPPWDKNFTENDLLVRIGKHSRTRYERNIEKISM
LEKIYIHPRYNWRENLDRDIALMKLKKPVAFSDYIHPVCLPDRETAASLLQAGYKGRVTGWGNLKETWTANVGKGQPSVL
QVVNLPIVERPVCKDSTRIRITDNMFCAGYKPDEGKRGDACEGDSGGPFVMKSPFNNRWYQMGIVSWGEGCDRDGKYGFY
THVFRLKKWIQKVIDQFGE
;
B,D
#
# COMPACT_ATOMS: atom_id res chain seq x y z
N GLU A 19 -11.53 4.98 -3.97
CA GLU A 19 -10.46 4.12 -4.45
C GLU A 19 -9.34 4.03 -3.42
N ALA A 20 -9.11 5.15 -2.73
CA ALA A 20 -8.13 5.21 -1.65
C ALA A 20 -8.73 4.90 -0.29
N ASP A 21 -10.00 4.53 -0.22
CA ASP A 21 -10.65 4.11 1.01
C ASP A 21 -10.95 2.62 1.00
N CYS A 22 -10.18 1.86 0.22
CA CYS A 22 -10.36 0.42 0.13
C CYS A 22 -10.19 -0.24 1.49
N GLY A 23 -10.81 -1.41 1.64
CA GLY A 23 -10.64 -2.20 2.85
C GLY A 23 -11.33 -1.64 4.08
N LEU A 24 -11.60 -0.34 4.10
CA LEU A 24 -12.23 0.30 5.24
C LEU A 24 -13.73 0.26 5.05
N ARG A 25 -14.39 -0.67 5.74
CA ARG A 25 -15.83 -0.79 5.64
C ARG A 25 -16.49 0.41 6.31
N PRO A 26 -17.53 0.98 5.68
CA PRO A 26 -18.13 2.20 6.25
C PRO A 26 -18.84 1.96 7.57
N LEU A 27 -19.45 0.78 7.74
CA LEU A 27 -20.19 0.46 8.95
C LEU A 27 -19.34 -0.27 9.99
N PHE A 28 -18.02 -0.25 9.84
CA PHE A 28 -17.14 -0.91 10.79
C PHE A 28 -15.82 -0.17 10.97
N GLU A 29 -14.87 -0.38 10.04
CA GLU A 29 -13.55 0.24 10.18
C GLU A 29 -13.63 1.76 10.19
N LYS A 30 -14.60 2.34 9.48
CA LYS A 30 -14.74 3.79 9.44
C LYS A 30 -15.56 4.33 10.59
N LYS A 31 -16.57 3.59 11.06
CA LYS A 31 -17.30 3.94 12.26
C LYS A 31 -16.64 3.37 13.51
N SER A 32 -15.41 2.85 13.39
CA SER A 32 -14.63 2.33 14.52
C SER A 32 -15.37 1.18 15.21
N LEU A 33 -15.69 0.15 14.42
CA LEU A 33 -16.36 -1.02 14.94
C LEU A 33 -15.75 -2.27 14.32
N GLU A 34 -15.82 -3.37 15.07
CA GLU A 34 -15.33 -4.65 14.64
C GLU A 34 -16.51 -5.57 14.32
N ASP A 35 -16.33 -6.46 13.34
CA ASP A 35 -17.35 -7.45 13.09
C ASP A 35 -17.25 -8.56 14.15
N LYS A 36 -18.19 -9.50 14.11
CA LYS A 36 -18.29 -10.49 15.16
C LYS A 36 -17.14 -11.49 15.16
N THR A 37 -16.33 -11.54 14.10
CA THR A 37 -15.33 -12.60 13.96
C THR A 37 -13.95 -12.14 13.52
N GLU A 38 -13.71 -10.85 13.29
CA GLU A 38 -12.40 -10.43 12.79
C GLU A 38 -11.30 -10.56 13.84
N ARG A 39 -11.67 -10.65 15.12
CA ARG A 39 -10.69 -10.96 16.15
C ARG A 39 -10.02 -12.30 15.88
N GLU A 40 -10.74 -13.24 15.26
CA GLU A 40 -10.11 -14.50 14.87
C GLU A 40 -8.96 -14.26 13.90
N LEU A 41 -9.21 -13.46 12.86
CA LEU A 41 -8.17 -13.18 11.87
C LEU A 41 -6.99 -12.48 12.51
N LEU A 42 -7.26 -11.50 13.39
CA LEU A 42 -6.16 -10.80 14.04
C LEU A 42 -5.36 -11.73 14.95
N GLU A 43 -6.05 -12.56 15.73
CA GLU A 43 -5.38 -13.45 16.68
C GLU A 43 -4.64 -14.58 15.99
N SER A 44 -5.03 -14.95 14.78
CA SER A 44 -4.28 -15.99 14.07
C SER A 44 -2.86 -15.54 13.73
N TYR A 45 -2.56 -14.25 13.86
CA TYR A 45 -1.22 -13.75 13.56
C TYR A 45 -0.23 -14.03 14.68
N ILE A 46 -0.69 -14.11 15.92
CA ILE A 46 0.20 -14.44 17.04
C ILE A 46 0.21 -15.95 17.23
N ASP A 47 -0.68 -16.47 18.08
CA ASP A 47 -0.88 -17.89 18.26
C ASP A 47 -2.20 -18.14 18.96
N GLY A 48 -3.24 -18.45 18.20
CA GLY A 48 -4.57 -18.66 18.74
C GLY A 48 -5.44 -17.42 18.70
N ILE B 1 -21.94 -21.55 1.50
CA ILE B 1 -20.82 -21.62 2.44
C ILE B 1 -21.12 -22.64 3.54
N VAL B 2 -20.26 -23.64 3.66
CA VAL B 2 -20.44 -24.68 4.66
C VAL B 2 -19.91 -24.20 6.00
N GLU B 3 -20.67 -24.49 7.06
CA GLU B 3 -20.33 -24.10 8.43
C GLU B 3 -20.23 -22.59 8.61
N GLY B 4 -20.82 -21.83 7.68
CA GLY B 4 -20.84 -20.39 7.78
C GLY B 4 -22.01 -19.87 8.58
N SER B 5 -21.85 -18.66 9.08
CA SER B 5 -22.90 -17.98 9.83
C SER B 5 -23.36 -16.75 9.06
N ASP B 6 -24.59 -16.33 9.33
CA ASP B 6 -25.14 -15.17 8.68
C ASP B 6 -24.27 -13.94 8.94
N ALA B 7 -24.08 -13.14 7.90
CA ALA B 7 -23.20 -11.98 7.98
C ALA B 7 -23.90 -10.82 8.69
N GLU B 8 -23.09 -9.91 9.23
CA GLU B 8 -23.63 -8.66 9.73
C GLU B 8 -23.92 -7.72 8.56
N ILE B 9 -24.66 -6.66 8.85
CA ILE B 9 -25.11 -5.73 7.81
C ILE B 9 -23.93 -4.86 7.38
N GLY B 10 -23.57 -4.93 6.11
CA GLY B 10 -22.44 -4.18 5.60
C GLY B 10 -21.08 -4.73 5.98
N MET B 11 -21.00 -6.04 6.23
CA MET B 11 -19.75 -6.66 6.66
C MET B 11 -18.83 -7.00 5.49
N SER B 12 -19.36 -7.12 4.28
CA SER B 12 -18.56 -7.39 3.08
C SER B 12 -19.10 -6.52 1.95
N PRO B 13 -18.83 -5.22 2.00
CA PRO B 13 -19.43 -4.32 0.99
C PRO B 13 -18.90 -4.54 -0.42
N TRP B 14 -17.77 -5.23 -0.57
CA TRP B 14 -17.24 -5.55 -1.89
C TRP B 14 -17.94 -6.74 -2.53
N GLN B 15 -18.71 -7.49 -1.76
CA GLN B 15 -19.34 -8.72 -2.25
C GLN B 15 -20.24 -8.43 -3.44
N VAL B 16 -19.90 -9.00 -4.59
CA VAL B 16 -20.69 -8.89 -5.81
C VAL B 16 -21.27 -10.27 -6.12
N MET B 17 -22.40 -10.29 -6.80
CA MET B 17 -23.18 -11.50 -7.04
C MET B 17 -23.45 -11.64 -8.53
N LEU B 18 -22.96 -12.73 -9.13
CA LEU B 18 -23.06 -12.94 -10.58
C LEU B 18 -24.30 -13.76 -10.92
N PHE B 19 -25.24 -13.12 -11.62
CA PHE B 19 -26.51 -13.71 -12.04
C PHE B 19 -26.53 -13.85 -13.55
N ARG B 20 -27.30 -14.81 -14.05
CA ARG B 20 -27.56 -14.96 -15.47
C ARG B 20 -28.86 -14.24 -15.84
N LYS B 21 -28.90 -13.66 -17.04
CA LYS B 21 -30.06 -12.88 -17.44
C LYS B 21 -31.29 -13.77 -17.61
N SER B 22 -31.30 -14.56 -18.67
CA SER B 22 -32.40 -15.50 -18.91
C SER B 22 -31.84 -16.92 -18.96
N PRO B 23 -32.14 -17.79 -17.99
CA PRO B 23 -32.99 -17.57 -16.80
C PRO B 23 -32.32 -16.69 -15.75
N GLN B 24 -33.11 -16.16 -14.80
CA GLN B 24 -32.59 -15.28 -13.74
C GLN B 24 -31.98 -16.14 -12.63
N GLU B 25 -30.85 -16.77 -12.95
CA GLU B 25 -30.23 -17.75 -12.09
C GLU B 25 -28.89 -17.26 -11.59
N LEU B 26 -28.63 -17.52 -10.30
CA LEU B 26 -27.36 -17.15 -9.68
C LEU B 26 -26.25 -18.05 -10.20
N LEU B 27 -25.26 -17.43 -10.87
CA LEU B 27 -24.10 -18.18 -11.35
C LEU B 27 -22.98 -18.25 -10.32
N CYS B 28 -22.55 -17.11 -9.77
CA CYS B 28 -21.33 -17.14 -8.97
C CYS B 28 -21.31 -15.97 -7.99
N GLY B 29 -20.20 -15.89 -7.25
CA GLY B 29 -19.85 -14.73 -6.47
C GLY B 29 -18.71 -13.99 -7.14
N ALA B 30 -18.43 -12.80 -6.61
CA ALA B 30 -17.40 -11.93 -7.17
C ALA B 30 -17.10 -10.83 -6.16
N SER B 31 -16.21 -9.91 -6.53
CA SER B 31 -15.78 -8.86 -5.63
C SER B 31 -15.64 -7.54 -6.38
N LEU B 32 -15.91 -6.45 -5.67
CA LEU B 32 -15.77 -5.10 -6.20
C LEU B 32 -14.39 -4.56 -5.80
N ILE B 33 -13.61 -4.12 -6.80
CA ILE B 33 -12.25 -3.67 -6.55
C ILE B 33 -12.08 -2.20 -6.91
N SER B 34 -12.88 -1.70 -7.86
CA SER B 34 -12.88 -0.28 -8.19
C SER B 34 -14.31 0.22 -8.26
N ASP B 35 -14.52 1.41 -8.82
CA ASP B 35 -15.88 1.90 -8.99
C ASP B 35 -16.54 1.39 -10.27
N ARG B 36 -15.89 0.47 -10.99
CA ARG B 36 -16.49 -0.08 -12.22
C ARG B 36 -15.84 -1.39 -12.65
N TRP B 37 -15.00 -1.98 -11.80
CA TRP B 37 -14.33 -3.23 -12.13
C TRP B 37 -14.66 -4.30 -11.09
N VAL B 38 -15.10 -5.46 -11.57
CA VAL B 38 -15.49 -6.58 -10.71
C VAL B 38 -14.58 -7.76 -11.01
N LEU B 39 -14.25 -8.52 -9.96
CA LEU B 39 -13.29 -9.61 -10.05
C LEU B 39 -13.99 -10.92 -9.70
N THR B 40 -13.90 -11.91 -10.60
CA THR B 40 -14.48 -13.22 -10.37
C THR B 40 -13.49 -14.28 -10.85
N ALA B 41 -13.91 -15.54 -10.80
CA ALA B 41 -13.10 -16.65 -11.29
C ALA B 41 -13.45 -16.97 -12.73
N ALA B 42 -12.43 -17.39 -13.49
CA ALA B 42 -12.59 -17.57 -14.94
C ALA B 42 -13.60 -18.67 -15.26
N HIS B 43 -13.56 -19.77 -14.52
CA HIS B 43 -14.46 -20.89 -14.79
C HIS B 43 -15.93 -20.51 -14.60
N CYS B 44 -16.21 -19.45 -13.83
CA CYS B 44 -17.57 -18.95 -13.72
C CYS B 44 -18.10 -18.44 -15.05
N LEU B 45 -17.22 -18.07 -15.97
CA LEU B 45 -17.61 -17.52 -17.26
C LEU B 45 -17.24 -18.42 -18.44
N LEU B 46 -16.07 -19.06 -18.39
CA LEU B 46 -15.62 -19.95 -19.45
C LEU B 46 -15.19 -21.27 -18.85
N TYR B 47 -15.95 -22.33 -19.14
CA TYR B 47 -15.56 -23.70 -18.78
C TYR B 47 -16.18 -24.63 -19.81
N PRO B 48 -15.46 -24.94 -20.88
CA PRO B 48 -16.04 -25.68 -22.00
C PRO B 48 -16.63 -27.03 -21.60
N PRO B 49 -15.95 -27.86 -20.75
CA PRO B 49 -16.48 -29.21 -20.49
C PRO B 49 -17.94 -29.24 -20.03
N TRP B 50 -18.45 -28.11 -19.56
CA TRP B 50 -19.88 -28.00 -19.20
C TRP B 50 -20.60 -26.98 -20.07
N ASP B 51 -20.07 -26.68 -21.25
CA ASP B 51 -20.70 -25.77 -22.21
C ASP B 51 -20.89 -24.37 -21.60
N LYS B 52 -19.87 -23.88 -20.90
CA LYS B 52 -19.89 -22.55 -20.30
C LYS B 52 -19.00 -21.62 -21.11
N ASN B 53 -19.62 -20.63 -21.76
CA ASN B 53 -18.92 -19.70 -22.65
C ASN B 53 -19.81 -18.46 -22.69
N PHE B 54 -19.79 -17.72 -21.60
CA PHE B 54 -20.64 -16.57 -21.43
C PHE B 54 -20.02 -15.33 -22.07
N THR B 55 -20.89 -14.41 -22.50
CA THR B 55 -20.48 -13.12 -23.01
C THR B 55 -20.95 -12.04 -22.05
N GLU B 56 -20.81 -10.79 -22.47
CA GLU B 56 -21.24 -9.66 -21.66
C GLU B 56 -22.76 -9.64 -21.53
N ASN B 57 -23.46 -9.78 -22.66
CA ASN B 57 -24.92 -9.69 -22.69
C ASN B 57 -25.60 -10.91 -22.07
N ASP B 58 -24.85 -11.93 -21.66
CA ASP B 58 -25.47 -13.13 -21.13
C ASP B 58 -25.81 -13.04 -19.66
N LEU B 59 -25.21 -12.10 -18.93
CA LEU B 59 -25.34 -12.09 -17.48
C LEU B 59 -25.21 -10.67 -16.94
N LEU B 60 -25.46 -10.55 -15.64
CA LEU B 60 -25.44 -9.28 -14.92
C LEU B 60 -24.90 -9.52 -13.51
N VAL B 61 -24.72 -8.44 -12.76
CA VAL B 61 -24.24 -8.52 -11.38
C VAL B 61 -25.16 -7.73 -10.46
N ARG B 62 -25.13 -8.09 -9.19
CA ARG B 62 -25.87 -7.41 -8.13
C ARG B 62 -24.93 -7.14 -6.96
N ILE B 63 -25.02 -5.92 -6.41
CA ILE B 63 -24.08 -5.44 -5.41
C ILE B 63 -24.86 -4.86 -4.24
N GLY B 64 -24.26 -4.93 -3.05
CA GLY B 64 -24.87 -4.39 -1.85
C GLY B 64 -26.02 -5.19 -1.29
N LYS B 65 -26.24 -6.41 -1.76
CA LYS B 65 -27.32 -7.24 -1.24
C LYS B 65 -26.93 -7.87 0.09
N HIS B 66 -27.85 -7.82 1.04
CA HIS B 66 -27.70 -8.54 2.31
C HIS B 66 -28.56 -9.79 2.36
N SER B 67 -29.88 -9.62 2.25
CA SER B 67 -30.82 -10.74 2.29
C SER B 67 -31.12 -11.18 0.86
N ARG B 68 -30.60 -12.36 0.48
CA ARG B 68 -30.81 -12.88 -0.87
C ARG B 68 -32.29 -12.93 -1.24
N THR B 69 -33.16 -13.10 -0.25
CA THR B 69 -34.59 -13.14 -0.49
C THR B 69 -35.14 -11.77 -0.88
N ARG B 70 -35.65 -11.03 0.09
CA ARG B 70 -36.36 -9.78 -0.18
C ARG B 70 -35.43 -8.73 -0.78
N TYR B 71 -35.83 -8.20 -1.93
CA TYR B 71 -35.06 -7.15 -2.61
C TYR B 71 -35.09 -5.85 -1.81
N GLU B 72 -33.95 -5.19 -1.75
CA GLU B 72 -33.77 -3.98 -0.94
C GLU B 72 -33.43 -2.81 -1.87
N ARG B 73 -34.45 -2.03 -2.21
CA ARG B 73 -34.25 -0.87 -3.08
C ARG B 73 -33.31 0.13 -2.42
N ASN B 74 -32.72 1.00 -3.27
CA ASN B 74 -31.84 2.09 -2.86
C ASN B 74 -30.45 1.61 -2.44
N ILE B 75 -30.38 0.65 -1.52
CA ILE B 75 -29.08 0.23 -1.01
C ILE B 75 -28.40 -0.75 -1.95
N GLU B 76 -29.13 -1.74 -2.44
CA GLU B 76 -28.55 -2.67 -3.41
C GLU B 76 -28.63 -2.07 -4.82
N LYS B 77 -27.90 -2.70 -5.75
CA LYS B 77 -27.91 -2.25 -7.13
C LYS B 77 -27.71 -3.44 -8.05
N ILE B 78 -28.14 -3.27 -9.30
CA ILE B 78 -27.92 -4.22 -10.38
C ILE B 78 -27.10 -3.52 -11.46
N SER B 79 -26.31 -4.29 -12.19
CA SER B 79 -25.41 -3.69 -13.18
C SER B 79 -25.18 -4.64 -14.34
N MET B 80 -24.94 -4.03 -15.50
CA MET B 80 -24.67 -4.70 -16.76
C MET B 80 -23.18 -4.65 -17.07
N LEU B 81 -22.71 -5.61 -17.85
CA LEU B 81 -21.29 -5.73 -18.15
C LEU B 81 -21.00 -5.13 -19.52
N GLU B 82 -20.01 -4.23 -19.56
CA GLU B 82 -19.57 -3.68 -20.83
C GLU B 82 -18.61 -4.62 -21.54
N LYS B 83 -17.71 -5.26 -20.79
CA LYS B 83 -16.81 -6.25 -21.37
C LYS B 83 -16.36 -7.22 -20.29
N ILE B 84 -15.98 -8.42 -20.75
CA ILE B 84 -15.44 -9.47 -19.90
C ILE B 84 -14.04 -9.81 -20.39
N TYR B 85 -13.08 -9.90 -19.48
CA TYR B 85 -11.69 -10.19 -19.80
C TYR B 85 -11.26 -11.43 -19.02
N ILE B 86 -10.98 -12.50 -19.72
CA ILE B 86 -10.51 -13.74 -19.12
C ILE B 86 -9.02 -13.86 -19.37
N HIS B 87 -8.28 -14.28 -18.34
CA HIS B 87 -6.83 -14.37 -18.44
C HIS B 87 -6.45 -15.26 -19.61
N PRO B 88 -5.59 -14.78 -20.53
CA PRO B 88 -5.31 -15.57 -21.73
C PRO B 88 -4.74 -16.94 -21.43
N ARG B 89 -3.91 -17.05 -20.39
CA ARG B 89 -3.26 -18.30 -20.01
C ARG B 89 -4.01 -19.02 -18.90
N TYR B 90 -5.31 -18.77 -18.77
CA TYR B 90 -6.16 -19.56 -17.88
C TYR B 90 -6.31 -20.98 -18.44
N ASN B 91 -5.82 -21.96 -17.70
CA ASN B 91 -5.70 -23.34 -18.18
C ASN B 91 -6.81 -24.18 -17.55
N TRP B 92 -8.02 -24.04 -18.11
CA TRP B 92 -9.13 -24.89 -17.72
C TRP B 92 -8.91 -26.34 -18.13
N ARG B 93 -7.97 -26.59 -19.04
CA ARG B 93 -7.81 -27.93 -19.59
C ARG B 93 -7.30 -28.91 -18.53
N GLU B 94 -6.36 -28.48 -17.68
CA GLU B 94 -5.72 -29.36 -16.72
C GLU B 94 -6.23 -29.18 -15.30
N ASN B 95 -6.19 -27.96 -14.78
CA ASN B 95 -6.36 -27.79 -13.34
C ASN B 95 -7.02 -26.48 -12.93
N LEU B 96 -7.50 -25.67 -13.86
CA LEU B 96 -7.94 -24.29 -13.58
C LEU B 96 -6.78 -23.44 -13.06
N ASP B 97 -5.60 -23.61 -13.67
CA ASP B 97 -4.50 -22.72 -13.37
C ASP B 97 -4.78 -21.33 -13.92
N ARG B 98 -4.35 -20.31 -13.18
CA ARG B 98 -4.63 -18.91 -13.52
C ARG B 98 -6.13 -18.67 -13.65
N ASP B 99 -6.89 -19.23 -12.71
CA ASP B 99 -8.34 -19.14 -12.69
C ASP B 99 -8.71 -17.75 -12.19
N ILE B 100 -9.00 -16.83 -13.12
CA ILE B 100 -9.35 -15.47 -12.77
C ILE B 100 -9.98 -14.78 -13.98
N ALA B 101 -10.88 -13.84 -13.72
CA ALA B 101 -11.53 -13.07 -14.78
C ALA B 101 -11.97 -11.72 -14.22
N LEU B 102 -11.92 -10.71 -15.07
CA LEU B 102 -12.35 -9.36 -14.74
C LEU B 102 -13.55 -8.97 -15.58
N MET B 103 -14.37 -8.08 -15.04
CA MET B 103 -15.58 -7.62 -15.72
C MET B 103 -15.69 -6.12 -15.54
N LYS B 104 -15.93 -5.41 -16.64
CA LYS B 104 -16.06 -3.96 -16.62
C LYS B 104 -17.54 -3.59 -16.65
N LEU B 105 -17.97 -2.82 -15.66
CA LEU B 105 -19.37 -2.41 -15.60
C LEU B 105 -19.68 -1.40 -16.69
N LYS B 106 -20.89 -1.50 -17.26
CA LYS B 106 -21.29 -0.59 -18.33
C LYS B 106 -21.29 0.86 -17.84
N LYS B 107 -21.81 1.09 -16.64
CA LYS B 107 -21.69 2.37 -15.97
C LYS B 107 -21.12 2.16 -14.58
N PRO B 108 -20.22 3.03 -14.13
CA PRO B 108 -19.65 2.88 -12.79
C PRO B 108 -20.71 2.89 -11.70
N VAL B 109 -20.34 2.38 -10.53
CA VAL B 109 -21.25 2.26 -9.40
C VAL B 109 -20.83 3.27 -8.33
N ALA B 110 -21.82 3.71 -7.56
CA ALA B 110 -21.60 4.66 -6.47
C ALA B 110 -21.50 3.93 -5.14
N PHE B 111 -20.53 4.34 -4.32
CA PHE B 111 -20.29 3.68 -3.06
C PHE B 111 -21.24 4.21 -1.98
N SER B 112 -21.54 3.37 -1.01
CA SER B 112 -22.46 3.73 0.07
C SER B 112 -21.94 3.12 1.36
N ASP B 113 -22.82 3.00 2.35
CA ASP B 113 -22.50 2.23 3.55
C ASP B 113 -22.51 0.74 3.30
N TYR B 114 -22.95 0.30 2.12
CA TYR B 114 -23.12 -1.11 1.83
C TYR B 114 -22.44 -1.55 0.53
N ILE B 115 -21.97 -0.61 -0.29
CA ILE B 115 -21.20 -0.92 -1.50
C ILE B 115 -19.87 -0.20 -1.36
N HIS B 116 -18.79 -0.97 -1.19
CA HIS B 116 -17.47 -0.39 -0.97
C HIS B 116 -16.40 -1.34 -1.49
N PRO B 117 -15.36 -0.82 -2.14
CA PRO B 117 -14.41 -1.70 -2.82
C PRO B 117 -13.37 -2.30 -1.89
N VAL B 118 -13.04 -3.58 -2.13
CA VAL B 118 -11.97 -4.24 -1.42
C VAL B 118 -10.62 -3.80 -1.98
N CYS B 119 -9.57 -3.93 -1.18
CA CYS B 119 -8.25 -3.55 -1.63
C CYS B 119 -7.48 -4.76 -2.15
N LEU B 120 -6.56 -4.50 -3.08
CA LEU B 120 -5.75 -5.56 -3.64
C LEU B 120 -4.33 -5.49 -3.08
N PRO B 121 -3.70 -6.64 -2.84
CA PRO B 121 -2.46 -6.65 -2.06
C PRO B 121 -1.25 -6.18 -2.85
N ASP B 122 -0.26 -5.72 -2.09
CA ASP B 122 1.06 -5.42 -2.59
C ASP B 122 1.99 -6.59 -2.29
N ARG B 123 3.23 -6.51 -2.78
CA ARG B 123 4.21 -7.56 -2.49
C ARG B 123 4.33 -7.80 -1.00
N GLU B 124 4.42 -6.73 -0.21
CA GLU B 124 4.69 -6.87 1.22
C GLU B 124 3.52 -7.52 1.94
N THR B 125 2.29 -7.03 1.71
CA THR B 125 1.13 -7.60 2.38
C THR B 125 0.93 -9.05 2.00
N ALA B 126 1.12 -9.38 0.72
CA ALA B 126 0.92 -10.76 0.27
C ALA B 126 1.97 -11.69 0.86
N ALA B 127 3.23 -11.27 0.84
CA ALA B 127 4.30 -12.10 1.39
C ALA B 127 4.20 -12.22 2.91
N SER B 128 3.63 -11.21 3.57
CA SER B 128 3.56 -11.23 5.04
C SER B 128 2.36 -12.04 5.52
N LEU B 129 1.23 -11.92 4.85
CA LEU B 129 -0.04 -12.47 5.33
C LEU B 129 -0.32 -13.87 4.80
N LEU B 130 -0.15 -14.10 3.49
CA LEU B 130 -0.42 -15.43 2.95
C LEU B 130 0.60 -16.42 3.49
N GLN B 131 0.40 -16.86 4.73
CA GLN B 131 1.24 -17.86 5.35
C GLN B 131 0.36 -18.87 6.06
N ALA B 132 0.85 -20.11 6.10
CA ALA B 132 0.08 -21.21 6.67
C ALA B 132 -0.21 -20.95 8.14
N GLY B 133 -1.47 -21.15 8.54
CA GLY B 133 -1.87 -20.90 9.91
C GLY B 133 -2.76 -19.68 10.04
N TYR B 134 -2.44 -18.62 9.30
CA TYR B 134 -3.26 -17.42 9.34
C TYR B 134 -4.62 -17.68 8.70
N LYS B 135 -5.62 -16.91 9.13
CA LYS B 135 -7.00 -17.13 8.74
C LYS B 135 -7.48 -16.02 7.83
N GLY B 136 -8.16 -16.40 6.73
CA GLY B 136 -8.78 -15.46 5.83
C GLY B 136 -10.28 -15.71 5.73
N ARG B 137 -10.97 -14.74 5.15
CA ARG B 137 -12.43 -14.71 5.14
C ARG B 137 -12.97 -15.06 3.76
N VAL B 138 -13.99 -15.92 3.74
CA VAL B 138 -14.69 -16.31 2.51
C VAL B 138 -16.16 -15.98 2.67
N THR B 139 -16.76 -15.43 1.61
CA THR B 139 -18.15 -15.01 1.62
C THR B 139 -18.86 -15.52 0.38
N GLY B 140 -20.14 -15.82 0.53
CA GLY B 140 -20.95 -16.24 -0.60
C GLY B 140 -22.34 -16.64 -0.18
N TRP B 141 -23.18 -16.86 -1.20
CA TRP B 141 -24.55 -17.33 -1.05
C TRP B 141 -24.72 -18.78 -1.49
N GLY B 142 -23.67 -19.59 -1.32
CA GLY B 142 -23.65 -20.92 -1.89
C GLY B 142 -24.40 -21.94 -1.07
N ASN B 143 -24.39 -23.18 -1.58
CA ASN B 143 -25.03 -24.28 -0.88
C ASN B 143 -24.40 -24.46 0.50
N LEU B 144 -25.25 -24.53 1.53
CA LEU B 144 -24.77 -24.71 2.89
C LEU B 144 -24.19 -26.09 3.13
N LYS B 145 -24.37 -27.01 2.20
CA LYS B 145 -23.85 -28.37 2.31
C LYS B 145 -23.47 -28.86 0.92
N GLU B 146 -22.67 -29.93 0.88
CA GLU B 146 -22.18 -30.44 -0.39
C GLU B 146 -23.33 -30.90 -1.28
N THR B 147 -24.31 -31.59 -0.71
CA THR B 147 -25.45 -32.11 -1.47
C THR B 147 -26.74 -31.62 -0.83
N TRP B 148 -27.49 -30.81 -1.58
CA TRP B 148 -28.77 -30.32 -1.10
C TRP B 148 -29.83 -31.42 -1.16
N THR B 149 -30.94 -31.19 -0.45
CA THR B 149 -32.06 -32.12 -0.46
C THR B 149 -33.38 -31.37 -0.62
N ALA B 150 -34.29 -31.54 0.33
CA ALA B 150 -35.62 -30.95 0.23
C ALA B 150 -35.73 -29.62 0.95
N ASN B 151 -35.09 -29.49 2.11
CA ASN B 151 -35.16 -28.25 2.89
C ASN B 151 -34.13 -27.24 2.40
N GLY B 155 -30.77 -25.18 2.13
CA GLY B 155 -29.64 -25.35 1.23
C GLY B 155 -29.20 -24.05 0.58
N GLN B 156 -30.17 -23.24 0.16
CA GLN B 156 -29.88 -21.93 -0.39
C GLN B 156 -30.12 -20.87 0.67
N PRO B 157 -29.13 -20.10 1.07
CA PRO B 157 -29.26 -19.24 2.25
C PRO B 157 -30.08 -17.99 1.97
N SER B 158 -30.58 -17.41 3.06
CA SER B 158 -31.35 -16.17 2.96
C SER B 158 -30.46 -14.95 2.91
N VAL B 159 -29.41 -14.91 3.73
CA VAL B 159 -28.49 -13.78 3.74
C VAL B 159 -27.09 -14.27 3.37
N LEU B 160 -26.14 -13.35 3.32
CA LEU B 160 -24.76 -13.71 2.99
C LEU B 160 -24.19 -14.65 4.04
N GLN B 161 -23.40 -15.61 3.59
CA GLN B 161 -22.72 -16.54 4.47
C GLN B 161 -21.21 -16.31 4.43
N VAL B 162 -20.55 -16.54 5.56
CA VAL B 162 -19.16 -16.16 5.73
C VAL B 162 -18.47 -17.18 6.63
N VAL B 163 -17.23 -17.52 6.29
CA VAL B 163 -16.38 -18.36 7.14
C VAL B 163 -15.00 -17.72 7.25
N ASN B 164 -14.33 -18.02 8.36
CA ASN B 164 -12.93 -17.68 8.58
C ASN B 164 -12.14 -18.99 8.57
N LEU B 165 -11.42 -19.22 7.48
CA LEU B 165 -10.69 -20.46 7.24
C LEU B 165 -9.18 -20.20 7.29
N PRO B 166 -8.43 -21.06 7.98
CA PRO B 166 -6.98 -20.89 8.03
C PRO B 166 -6.31 -21.41 6.76
N ILE B 167 -5.14 -20.85 6.48
CA ILE B 167 -4.37 -21.26 5.31
C ILE B 167 -3.63 -22.55 5.61
N VAL B 168 -3.43 -23.36 4.58
CA VAL B 168 -2.79 -24.67 4.69
C VAL B 168 -1.48 -24.65 3.92
N GLU B 169 -0.48 -25.36 4.44
CA GLU B 169 0.82 -25.43 3.80
C GLU B 169 0.69 -26.04 2.40
N ARG B 170 1.46 -25.49 1.45
CA ARG B 170 1.45 -26.00 0.09
C ARG B 170 1.63 -27.52 0.00
N PRO B 171 2.56 -28.15 0.73
CA PRO B 171 2.67 -29.62 0.62
C PRO B 171 1.41 -30.36 1.05
N VAL B 172 0.80 -29.97 2.16
CA VAL B 172 -0.44 -30.61 2.60
C VAL B 172 -1.54 -30.41 1.56
N CYS B 173 -1.60 -29.21 0.97
CA CYS B 173 -2.57 -28.95 -0.10
C CYS B 173 -2.37 -29.92 -1.25
N LYS B 174 -1.19 -29.93 -1.85
CA LYS B 174 -0.94 -30.78 -3.01
C LYS B 174 -0.91 -32.26 -2.66
N ASP B 175 -0.92 -32.61 -1.38
CA ASP B 175 -1.14 -33.99 -0.98
C ASP B 175 -2.62 -34.33 -0.80
N SER B 176 -3.47 -33.33 -0.55
CA SER B 176 -4.89 -33.59 -0.40
C SER B 176 -5.52 -34.04 -1.70
N THR B 177 -5.12 -33.45 -2.83
CA THR B 177 -5.78 -33.66 -4.10
C THR B 177 -4.80 -34.21 -5.13
N ARG B 178 -5.37 -34.67 -6.25
CA ARG B 178 -4.60 -35.19 -7.37
C ARG B 178 -4.21 -34.11 -8.37
N ILE B 179 -4.73 -32.91 -8.21
CA ILE B 179 -4.49 -31.82 -9.17
C ILE B 179 -3.14 -31.20 -8.90
N ARG B 180 -2.39 -30.93 -9.97
CA ARG B 180 -1.11 -30.21 -9.87
C ARG B 180 -1.40 -28.77 -9.49
N ILE B 181 -1.14 -28.42 -8.23
CA ILE B 181 -1.37 -27.06 -7.77
C ILE B 181 -0.15 -26.22 -8.10
N THR B 182 -0.40 -24.98 -8.51
CA THR B 182 0.63 -24.12 -9.07
C THR B 182 0.93 -22.97 -8.10
N ASP B 183 1.87 -22.12 -8.51
CA ASP B 183 2.18 -20.91 -7.76
C ASP B 183 1.06 -19.90 -7.80
N ASN B 184 0.09 -20.06 -8.71
CA ASN B 184 -1.02 -19.13 -8.86
C ASN B 184 -2.23 -19.53 -8.02
N MET B 185 -2.09 -20.55 -7.18
CA MET B 185 -3.18 -20.98 -6.32
C MET B 185 -2.62 -21.38 -4.96
N PHE B 186 -3.44 -21.18 -3.93
CA PHE B 186 -3.15 -21.63 -2.58
C PHE B 186 -4.42 -22.27 -2.02
N CYS B 187 -4.27 -23.10 -0.99
CA CYS B 187 -5.44 -23.76 -0.42
C CYS B 187 -5.58 -23.42 1.05
N ALA B 188 -6.80 -23.58 1.54
CA ALA B 188 -7.15 -23.20 2.90
C ALA B 188 -8.29 -24.08 3.39
N GLY B 189 -8.44 -24.11 4.71
CA GLY B 189 -9.34 -25.02 5.37
C GLY B 189 -8.72 -25.50 6.66
N TYR B 190 -9.53 -26.20 7.46
CA TYR B 190 -9.03 -26.74 8.72
C TYR B 190 -8.37 -28.09 8.47
N LYS B 191 -8.40 -28.99 9.45
CA LYS B 191 -7.69 -30.26 9.31
C LYS B 191 -8.46 -31.33 10.05
N PRO B 192 -8.27 -32.61 9.69
CA PRO B 192 -9.02 -33.69 10.36
C PRO B 192 -8.92 -33.65 11.88
N ASP B 193 -7.70 -33.59 12.41
CA ASP B 193 -7.50 -33.48 13.86
C ASP B 193 -7.38 -32.03 14.31
N GLU B 194 -8.27 -31.19 13.79
CA GLU B 194 -8.41 -29.81 14.27
C GLU B 194 -9.78 -29.51 14.83
N GLY B 195 -10.74 -30.44 14.72
CA GLY B 195 -12.04 -30.27 15.34
C GLY B 195 -12.81 -29.05 14.88
N LYS B 196 -12.56 -28.59 13.66
CA LYS B 196 -13.21 -27.41 13.12
C LYS B 196 -13.45 -27.62 11.63
N ARG B 197 -14.57 -27.10 11.13
CA ARG B 197 -14.97 -27.31 9.75
C ARG B 197 -15.15 -25.97 9.05
N GLY B 198 -15.55 -26.04 7.78
CA GLY B 198 -15.75 -24.85 6.99
C GLY B 198 -15.18 -24.98 5.58
N ASP B 199 -15.91 -24.48 4.59
CA ASP B 199 -15.48 -24.52 3.19
C ASP B 199 -16.43 -23.73 2.31
N ALA B 200 -15.91 -23.14 1.23
CA ALA B 200 -16.79 -22.60 0.21
C ALA B 200 -17.40 -23.74 -0.59
N CYS B 201 -18.55 -23.49 -1.21
CA CYS B 201 -19.30 -24.57 -1.84
C CYS B 201 -19.87 -24.08 -3.17
N GLU B 202 -20.91 -24.77 -3.63
CA GLU B 202 -21.48 -24.50 -4.96
C GLU B 202 -22.05 -23.10 -5.03
N GLY B 203 -21.71 -22.37 -6.09
CA GLY B 203 -22.15 -21.00 -6.26
C GLY B 203 -21.29 -19.98 -5.54
N ASP B 204 -20.46 -20.40 -4.58
CA ASP B 204 -19.53 -19.51 -3.92
C ASP B 204 -18.31 -19.19 -4.77
N SER B 205 -18.08 -19.97 -5.84
CA SER B 205 -16.92 -19.78 -6.69
C SER B 205 -16.86 -18.36 -7.21
N GLY B 206 -15.65 -17.89 -7.50
CA GLY B 206 -15.43 -16.53 -7.95
C GLY B 206 -15.48 -15.48 -6.87
N GLY B 207 -15.96 -15.82 -5.67
CA GLY B 207 -16.07 -14.86 -4.61
C GLY B 207 -14.71 -14.46 -4.05
N PRO B 208 -14.72 -13.51 -3.11
CA PRO B 208 -13.45 -13.02 -2.56
C PRO B 208 -12.98 -13.72 -1.30
N PHE B 209 -11.71 -14.10 -1.28
CA PHE B 209 -11.01 -14.55 -0.08
C PHE B 209 -10.19 -13.36 0.43
N VAL B 210 -10.49 -12.91 1.66
CA VAL B 210 -9.93 -11.66 2.15
C VAL B 210 -9.35 -11.85 3.54
N MET B 211 -8.44 -10.94 3.90
CA MET B 211 -7.82 -10.87 5.21
C MET B 211 -7.63 -9.41 5.61
N LYS B 212 -7.66 -9.14 6.91
CA LYS B 212 -7.47 -7.78 7.42
C LYS B 212 -6.01 -7.57 7.77
N SER B 213 -5.40 -6.56 7.18
CA SER B 213 -3.96 -6.33 7.34
C SER B 213 -3.68 -5.75 8.72
N PRO B 214 -2.76 -6.34 9.49
CA PRO B 214 -2.40 -5.76 10.79
C PRO B 214 -1.56 -4.51 10.69
N PHE B 215 -1.21 -4.07 9.48
CA PHE B 215 -0.41 -2.88 9.30
C PHE B 215 -1.23 -1.62 9.07
N ASN B 216 -2.47 -1.77 8.60
CA ASN B 216 -3.31 -0.61 8.34
C ASN B 216 -4.79 -0.88 8.61
N ASN B 217 -5.13 -2.05 9.15
CA ASN B 217 -6.52 -2.41 9.46
C ASN B 217 -7.43 -2.34 8.24
N ARG B 218 -6.89 -2.67 7.07
CA ARG B 218 -7.64 -2.67 5.83
C ARG B 218 -7.79 -4.10 5.32
N TRP B 219 -8.93 -4.35 4.66
CA TRP B 219 -9.23 -5.67 4.13
C TRP B 219 -8.66 -5.79 2.71
N TYR B 220 -7.86 -6.82 2.50
CA TYR B 220 -7.25 -7.12 1.21
C TYR B 220 -7.78 -8.45 0.70
N GLN B 221 -7.91 -8.56 -0.62
CA GLN B 221 -8.33 -9.81 -1.25
C GLN B 221 -7.09 -10.60 -1.63
N MET B 222 -6.83 -11.67 -0.87
CA MET B 222 -5.70 -12.55 -1.14
C MET B 222 -6.04 -13.69 -2.08
N GLY B 223 -7.32 -14.04 -2.22
CA GLY B 223 -7.71 -15.19 -3.01
C GLY B 223 -9.05 -15.03 -3.69
N ILE B 224 -9.33 -15.97 -4.60
CA ILE B 224 -10.61 -16.06 -5.28
C ILE B 224 -11.06 -17.51 -5.19
N VAL B 225 -12.30 -17.73 -4.78
CA VAL B 225 -12.85 -19.07 -4.59
C VAL B 225 -12.75 -19.85 -5.89
N SER B 226 -11.81 -20.80 -5.96
CA SER B 226 -11.55 -21.50 -7.21
C SER B 226 -12.23 -22.86 -7.26
N TRP B 227 -11.77 -23.84 -6.48
CA TRP B 227 -12.30 -25.19 -6.65
C TRP B 227 -12.12 -26.01 -5.38
N GLY B 228 -12.59 -27.25 -5.44
CA GLY B 228 -12.48 -28.18 -4.32
C GLY B 228 -13.19 -29.48 -4.63
N GLU B 229 -12.82 -30.52 -3.88
CA GLU B 229 -13.43 -31.84 -4.01
C GLU B 229 -14.69 -31.88 -3.15
N GLY B 230 -15.83 -31.57 -3.77
CA GLY B 230 -17.06 -31.46 -3.00
C GLY B 230 -17.04 -30.21 -2.14
N CYS B 231 -17.51 -30.35 -0.90
CA CYS B 231 -17.57 -29.23 0.03
C CYS B 231 -17.32 -29.72 1.45
N ASP B 232 -16.38 -29.08 2.14
CA ASP B 232 -16.06 -29.38 3.54
C ASP B 232 -15.88 -30.88 3.76
N ARG B 233 -14.85 -31.41 3.10
CA ARG B 233 -14.51 -32.82 3.17
C ARG B 233 -13.28 -33.01 4.03
N ASP B 234 -13.30 -34.03 4.88
CA ASP B 234 -12.11 -34.40 5.64
C ASP B 234 -11.00 -34.80 4.69
N GLY B 235 -9.80 -34.28 4.93
CA GLY B 235 -8.67 -34.56 4.08
C GLY B 235 -8.64 -33.80 2.78
N LYS B 236 -9.58 -32.89 2.55
CA LYS B 236 -9.61 -32.05 1.36
C LYS B 236 -9.74 -30.59 1.79
N TYR B 237 -9.38 -29.68 0.89
CA TYR B 237 -9.31 -28.26 1.20
C TYR B 237 -9.85 -27.44 0.05
N GLY B 238 -10.24 -26.20 0.36
CA GLY B 238 -10.67 -25.28 -0.68
C GLY B 238 -9.47 -24.62 -1.32
N PHE B 239 -9.46 -24.59 -2.65
CA PHE B 239 -8.36 -23.99 -3.40
C PHE B 239 -8.81 -22.66 -3.98
N TYR B 240 -7.97 -21.64 -3.83
CA TYR B 240 -8.27 -20.26 -4.18
C TYR B 240 -7.16 -19.70 -5.05
N THR B 241 -7.54 -18.78 -5.93
CA THR B 241 -6.58 -18.17 -6.86
C THR B 241 -5.72 -17.16 -6.12
N HIS B 242 -4.41 -17.37 -6.13
CA HIS B 242 -3.46 -16.45 -5.50
C HIS B 242 -3.55 -15.09 -6.18
N VAL B 243 -4.43 -14.23 -5.67
CA VAL B 243 -4.79 -12.96 -6.32
C VAL B 243 -3.55 -12.15 -6.69
N PHE B 244 -2.51 -12.22 -5.88
CA PHE B 244 -1.36 -11.35 -6.12
C PHE B 244 -0.62 -11.70 -7.39
N ARG B 245 -0.28 -12.98 -7.58
CA ARG B 245 0.58 -13.37 -8.69
C ARG B 245 0.09 -12.80 -10.01
N LEU B 246 -1.21 -12.85 -10.25
CA LEU B 246 -1.81 -12.43 -11.50
C LEU B 246 -2.18 -10.95 -11.51
N LYS B 247 -1.83 -10.22 -10.43
CA LYS B 247 -2.14 -8.79 -10.37
C LYS B 247 -1.50 -8.04 -11.52
N LYS B 248 -0.32 -8.48 -11.96
CA LYS B 248 0.25 -7.95 -13.20
C LYS B 248 -0.82 -7.87 -14.28
N TRP B 249 -1.42 -9.01 -14.63
CA TRP B 249 -2.52 -9.02 -15.60
C TRP B 249 -3.60 -8.01 -15.24
N ILE B 250 -4.00 -7.95 -13.96
CA ILE B 250 -5.07 -7.04 -13.54
C ILE B 250 -4.72 -5.60 -13.89
N GLN B 251 -3.43 -5.24 -13.86
CA GLN B 251 -3.01 -3.93 -14.34
C GLN B 251 -3.23 -3.83 -15.85
N LYS B 252 -2.62 -4.75 -16.61
CA LYS B 252 -2.54 -4.63 -18.06
C LYS B 252 -3.92 -4.45 -18.71
N VAL B 253 -4.98 -4.90 -18.04
CA VAL B 253 -6.32 -4.71 -18.57
C VAL B 253 -6.86 -3.38 -18.06
N ILE B 254 -6.90 -3.18 -16.74
CA ILE B 254 -7.51 -1.97 -16.20
C ILE B 254 -6.74 -0.74 -16.65
N ASP B 255 -5.42 -0.86 -16.77
CA ASP B 255 -4.57 0.22 -17.25
C ASP B 255 -4.38 0.19 -18.76
N GLN B 256 -5.39 -0.27 -19.50
CA GLN B 256 -5.37 -0.21 -20.96
C GLN B 256 -6.78 -0.19 -21.51
N PHE B 257 -7.76 -0.51 -20.64
CA PHE B 257 -9.18 -0.41 -20.99
C PHE B 257 -9.94 0.47 -19.99
N GLY B 258 -9.23 1.28 -19.22
CA GLY B 258 -9.85 2.08 -18.17
C GLY B 258 -10.91 3.04 -18.64
N GLU C 19 9.92 31.23 -0.95
CA GLU C 19 10.98 32.09 -1.48
C GLU C 19 11.65 32.83 -0.34
N ALA C 20 11.19 34.06 -0.07
CA ALA C 20 11.66 34.78 1.10
C ALA C 20 10.97 34.32 2.38
N ASP C 21 9.85 33.61 2.27
CA ASP C 21 9.05 33.18 3.41
C ASP C 21 9.15 31.67 3.64
N CYS C 22 10.27 31.07 3.24
CA CYS C 22 10.47 29.64 3.44
C CYS C 22 10.78 29.35 4.91
N GLY C 23 10.89 28.06 5.22
CA GLY C 23 11.35 27.63 6.54
C GLY C 23 10.46 27.98 7.70
N LEU C 24 9.55 28.94 7.52
CA LEU C 24 8.63 29.37 8.56
C LEU C 24 7.30 28.65 8.34
N ARG C 25 6.99 27.70 9.21
CA ARG C 25 5.77 26.91 9.03
C ARG C 25 4.55 27.78 9.27
N PRO C 26 3.52 27.65 8.41
CA PRO C 26 2.35 28.53 8.57
C PRO C 26 1.57 28.31 9.84
N LEU C 27 1.47 27.06 10.31
CA LEU C 27 0.74 26.75 11.53
C LEU C 27 1.61 26.75 12.77
N PHE C 28 2.92 26.89 12.61
CA PHE C 28 3.84 26.79 13.74
C PHE C 28 4.67 28.06 13.91
N GLU C 29 5.67 28.29 13.05
CA GLU C 29 6.51 29.47 13.22
C GLU C 29 5.77 30.75 12.87
N LYS C 30 4.79 30.67 11.95
CA LYS C 30 4.02 31.86 11.61
C LYS C 30 3.00 32.22 12.69
N LYS C 31 2.46 31.21 13.37
CA LYS C 31 1.53 31.43 14.47
C LYS C 31 2.23 31.36 15.82
N SER C 32 3.56 31.44 15.83
CA SER C 32 4.38 31.36 17.04
C SER C 32 4.02 30.11 17.85
N LEU C 33 4.24 28.96 17.22
CA LEU C 33 4.00 27.67 17.86
C LEU C 33 5.17 26.75 17.57
N GLU C 34 5.60 26.04 18.60
CA GLU C 34 6.72 25.11 18.51
C GLU C 34 6.17 23.69 18.64
N ASP C 35 6.46 22.84 17.66
CA ASP C 35 5.91 21.49 17.63
C ASP C 35 6.37 20.66 18.83
N LYS C 36 5.90 19.42 18.93
CA LYS C 36 6.12 18.66 20.16
C LYS C 36 7.56 18.22 20.34
N THR C 37 8.41 18.24 19.31
CA THR C 37 9.74 17.67 19.41
C THR C 37 10.88 18.54 18.90
N GLU C 38 10.63 19.79 18.49
CA GLU C 38 11.73 20.61 18.01
C GLU C 38 12.63 21.11 19.15
N ARG C 39 12.20 20.93 20.40
CA ARG C 39 13.07 21.27 21.53
C ARG C 39 14.34 20.43 21.49
N GLU C 40 14.23 19.16 21.08
CA GLU C 40 15.42 18.35 20.89
C GLU C 40 16.36 18.98 19.88
N LEU C 41 15.81 19.46 18.76
CA LEU C 41 16.64 20.00 17.69
C LEU C 41 17.38 21.24 18.15
N LEU C 42 16.69 22.19 18.78
CA LEU C 42 17.43 23.38 19.18
C LEU C 42 18.21 23.20 20.47
N GLU C 43 17.99 22.12 21.22
CA GLU C 43 18.87 21.80 22.35
C GLU C 43 20.18 21.19 21.88
N SER C 44 20.12 20.31 20.88
CA SER C 44 21.32 19.59 20.43
C SER C 44 22.45 20.53 20.04
N TYR C 45 22.15 21.80 19.75
CA TYR C 45 23.21 22.76 19.44
C TYR C 45 23.98 23.14 20.70
N ILE C 46 23.27 23.45 21.79
CA ILE C 46 23.87 24.07 22.95
C ILE C 46 24.16 23.11 24.10
N ASP C 47 23.54 21.94 24.12
CA ASP C 47 23.75 21.01 25.22
C ASP C 47 25.13 20.35 25.10
N GLY C 48 25.47 19.58 26.13
CA GLY C 48 26.73 18.86 26.14
C GLY C 48 26.82 17.79 25.08
N ILE D 1 9.93 5.07 8.27
CA ILE D 1 10.65 5.70 9.37
C ILE D 1 10.63 4.79 10.59
N VAL D 2 11.82 4.35 11.01
CA VAL D 2 11.95 3.46 12.15
C VAL D 2 12.04 4.29 13.42
N GLU D 3 11.28 3.87 14.44
CA GLU D 3 11.28 4.52 15.75
C GLU D 3 10.88 5.99 15.64
N GLY D 4 9.89 6.26 14.79
CA GLY D 4 9.34 7.59 14.64
C GLY D 4 8.06 7.76 15.42
N SER D 5 7.58 9.01 15.43
CA SER D 5 6.31 9.36 16.07
C SER D 5 5.39 9.99 15.03
N ASP D 6 4.12 10.07 15.39
CA ASP D 6 3.14 10.69 14.50
C ASP D 6 3.41 12.17 14.37
N ALA D 7 3.39 12.67 13.13
CA ALA D 7 3.53 14.09 12.91
C ALA D 7 2.27 14.81 13.37
N GLU D 8 2.42 16.12 13.60
CA GLU D 8 1.27 16.98 13.85
C GLU D 8 0.72 17.48 12.52
N ILE D 9 -0.54 17.93 12.55
CA ILE D 9 -1.20 18.38 11.33
C ILE D 9 -0.47 19.60 10.80
N GLY D 10 0.13 19.47 9.62
CA GLY D 10 0.90 20.55 9.04
C GLY D 10 2.24 20.78 9.71
N MET D 11 2.87 19.72 10.21
CA MET D 11 4.15 19.84 10.90
C MET D 11 5.34 19.97 9.94
N SER D 12 5.17 19.55 8.69
CA SER D 12 6.23 19.69 7.67
C SER D 12 5.57 19.89 6.32
N PRO D 13 5.15 21.12 6.01
CA PRO D 13 4.41 21.36 4.76
C PRO D 13 5.24 21.18 3.50
N TRP D 14 6.57 21.22 3.60
CA TRP D 14 7.42 20.99 2.43
C TRP D 14 7.47 19.54 2.00
N GLN D 15 6.93 18.62 2.80
CA GLN D 15 6.96 17.20 2.48
C GLN D 15 6.22 16.88 1.19
N VAL D 16 6.96 16.65 0.11
CA VAL D 16 6.39 16.19 -1.15
C VAL D 16 6.47 14.67 -1.16
N MET D 17 5.51 14.03 -1.83
CA MET D 17 5.41 12.57 -1.87
C MET D 17 5.44 12.13 -3.32
N LEU D 18 6.51 11.41 -3.70
CA LEU D 18 6.60 10.87 -5.05
C LEU D 18 5.61 9.72 -5.21
N PHE D 19 5.12 9.54 -6.44
CA PHE D 19 4.01 8.61 -6.64
C PHE D 19 4.07 8.08 -8.07
N ARG D 20 3.95 6.77 -8.23
CA ARG D 20 3.92 6.21 -9.57
C ARG D 20 2.52 6.34 -10.16
N LYS D 21 2.44 6.85 -11.39
CA LYS D 21 1.14 7.05 -12.04
C LYS D 21 0.40 5.73 -12.22
N SER D 22 0.98 4.82 -13.00
CA SER D 22 0.38 3.50 -13.19
C SER D 22 1.46 2.43 -13.20
N PRO D 23 1.40 1.44 -12.30
CA PRO D 23 0.40 1.25 -11.23
C PRO D 23 0.51 2.26 -10.09
N GLN D 24 -0.52 2.31 -9.25
CA GLN D 24 -0.63 3.29 -8.16
C GLN D 24 0.22 2.82 -6.98
N GLU D 25 1.46 3.29 -6.92
CA GLU D 25 2.33 2.90 -5.82
C GLU D 25 3.25 4.05 -5.42
N LEU D 26 3.39 4.25 -4.11
CA LEU D 26 4.28 5.28 -3.57
C LEU D 26 5.73 4.91 -3.82
N LEU D 27 6.44 5.74 -4.56
CA LEU D 27 7.83 5.45 -4.90
C LEU D 27 8.81 5.98 -3.85
N CYS D 28 8.73 7.26 -3.51
CA CYS D 28 9.71 7.88 -2.64
C CYS D 28 9.11 9.09 -1.93
N GLY D 29 9.94 9.74 -1.13
CA GLY D 29 9.62 11.04 -0.59
C GLY D 29 10.41 12.13 -1.31
N ALA D 30 10.13 13.38 -0.94
CA ALA D 30 10.76 14.53 -1.56
C ALA D 30 10.39 15.76 -0.75
N SER D 31 10.84 16.93 -1.22
CA SER D 31 10.62 18.17 -0.50
C SER D 31 10.24 19.28 -1.47
N LEU D 32 9.40 20.19 -1.00
CA LEU D 32 9.01 21.37 -1.77
C LEU D 32 9.97 22.51 -1.45
N ILE D 33 10.49 23.17 -2.49
CA ILE D 33 11.46 24.24 -2.32
C ILE D 33 11.09 25.51 -3.06
N SER D 34 9.94 25.56 -3.72
CA SER D 34 9.49 26.75 -4.43
C SER D 34 8.00 26.60 -4.71
N ASP D 35 7.47 27.47 -5.59
CA ASP D 35 6.11 27.32 -6.06
C ASP D 35 5.96 26.17 -7.03
N ARG D 36 7.06 25.69 -7.62
CA ARG D 36 6.97 24.69 -8.67
C ARG D 36 8.20 23.79 -8.77
N TRP D 37 8.98 23.64 -7.71
CA TRP D 37 10.21 22.88 -7.74
C TRP D 37 10.28 21.93 -6.56
N VAL D 38 10.63 20.67 -6.84
CA VAL D 38 10.65 19.61 -5.84
C VAL D 38 12.02 18.95 -5.85
N LEU D 39 12.46 18.51 -4.68
CA LEU D 39 13.79 17.95 -4.48
C LEU D 39 13.66 16.52 -3.98
N THR D 40 14.21 15.56 -4.73
CA THR D 40 14.24 14.17 -4.31
C THR D 40 15.64 13.60 -4.52
N ALA D 41 15.79 12.27 -4.36
CA ALA D 41 17.05 11.60 -4.62
C ALA D 41 17.04 10.97 -6.01
N ALA D 42 18.24 10.85 -6.59
CA ALA D 42 18.34 10.41 -7.98
C ALA D 42 17.97 8.94 -8.14
N HIS D 43 18.38 8.09 -7.21
CA HIS D 43 18.07 6.67 -7.29
C HIS D 43 16.57 6.39 -7.21
N CYS D 44 15.78 7.36 -6.75
CA CYS D 44 14.33 7.21 -6.77
C CYS D 44 13.76 7.22 -8.19
N LEU D 45 14.51 7.76 -9.15
CA LEU D 45 14.07 7.83 -10.54
C LEU D 45 14.94 7.03 -11.49
N LEU D 46 16.17 6.72 -11.11
CA LEU D 46 17.10 5.96 -11.97
C LEU D 46 17.91 5.01 -11.10
N TYR D 47 17.76 3.71 -11.36
CA TYR D 47 18.65 2.72 -10.76
C TYR D 47 18.73 1.53 -11.72
N PRO D 48 19.71 1.54 -12.62
CA PRO D 48 19.83 0.48 -13.62
C PRO D 48 19.99 -0.90 -13.01
N PRO D 49 20.69 -1.06 -11.88
CA PRO D 49 20.67 -2.39 -11.23
C PRO D 49 19.28 -2.90 -10.91
N TRP D 50 18.34 -2.01 -10.62
CA TRP D 50 16.94 -2.38 -10.50
C TRP D 50 16.15 -2.11 -11.77
N ASP D 51 16.84 -1.75 -12.86
CA ASP D 51 16.23 -1.50 -14.16
C ASP D 51 15.17 -0.39 -14.05
N LYS D 52 15.62 0.77 -13.63
CA LYS D 52 14.76 1.93 -13.45
C LYS D 52 15.21 3.07 -14.34
N ASN D 53 14.25 3.84 -14.83
CA ASN D 53 14.53 4.86 -15.85
C ASN D 53 13.27 5.70 -16.07
N PHE D 54 12.86 6.43 -15.05
CA PHE D 54 11.53 7.01 -15.11
C PHE D 54 11.55 8.35 -15.85
N THR D 55 10.47 8.60 -16.57
CA THR D 55 10.27 9.85 -17.30
C THR D 55 9.24 10.68 -16.54
N GLU D 56 8.94 11.86 -17.08
CA GLU D 56 8.04 12.78 -16.40
C GLU D 56 6.65 12.18 -16.22
N ASN D 57 6.09 11.63 -17.30
CA ASN D 57 4.74 11.09 -17.24
C ASN D 57 4.66 9.72 -16.60
N ASP D 58 5.79 9.12 -16.23
CA ASP D 58 5.75 7.84 -15.54
C ASP D 58 5.29 7.98 -14.09
N LEU D 59 5.33 9.19 -13.54
CA LEU D 59 5.01 9.40 -12.13
C LEU D 59 4.52 10.83 -11.92
N LEU D 60 4.10 11.11 -10.68
CA LEU D 60 3.48 12.35 -10.26
C LEU D 60 3.93 12.65 -8.83
N VAL D 61 3.47 13.77 -8.28
CA VAL D 61 3.74 14.08 -6.89
C VAL D 61 2.44 14.50 -6.20
N ARG D 62 2.44 14.35 -4.87
CA ARG D 62 1.35 14.85 -4.04
C ARG D 62 1.93 15.66 -2.90
N ILE D 63 1.34 16.83 -2.64
CA ILE D 63 1.84 17.76 -1.65
C ILE D 63 0.70 18.16 -0.72
N GLY D 64 1.00 18.21 0.58
CA GLY D 64 -0.01 18.53 1.57
C GLY D 64 -0.72 17.36 2.18
N LYS D 65 -0.30 16.14 1.86
CA LYS D 65 -0.93 14.95 2.43
C LYS D 65 -0.47 14.73 3.85
N HIS D 66 -1.42 14.49 4.75
CA HIS D 66 -1.14 14.15 6.14
C HIS D 66 -1.36 12.68 6.44
N SER D 67 -2.51 12.15 6.03
CA SER D 67 -2.86 10.74 6.25
C SER D 67 -2.83 10.01 4.93
N ARG D 68 -2.03 8.95 4.86
CA ARG D 68 -1.90 8.18 3.61
C ARG D 68 -3.22 7.53 3.21
N THR D 69 -4.11 7.30 4.18
CA THR D 69 -5.40 6.66 3.91
C THR D 69 -6.32 7.56 3.10
N ARG D 70 -7.21 8.26 3.80
CA ARG D 70 -8.26 9.04 3.15
C ARG D 70 -7.70 10.22 2.37
N TYR D 71 -8.23 10.42 1.16
CA TYR D 71 -7.93 11.60 0.37
C TYR D 71 -8.48 12.85 1.07
N GLU D 72 -7.60 13.80 1.37
CA GLU D 72 -7.98 15.03 2.05
C GLU D 72 -8.30 16.09 1.00
N ARG D 73 -9.58 16.17 0.64
CA ARG D 73 -10.04 17.20 -0.28
C ARG D 73 -9.88 18.58 0.36
N ASN D 74 -9.58 19.57 -0.48
CA ASN D 74 -9.35 20.96 -0.11
C ASN D 74 -8.11 21.16 0.75
N ILE D 75 -7.22 20.17 0.83
CA ILE D 75 -6.02 20.29 1.66
C ILE D 75 -4.79 19.86 0.86
N GLU D 76 -4.92 18.75 0.14
CA GLU D 76 -3.80 18.20 -0.63
C GLU D 76 -3.88 18.67 -2.08
N LYS D 77 -2.76 18.50 -2.80
CA LYS D 77 -2.66 18.93 -4.18
C LYS D 77 -1.83 17.91 -4.95
N ILE D 78 -2.40 17.32 -5.98
CA ILE D 78 -1.69 16.46 -6.90
C ILE D 78 -1.05 17.33 -7.97
N SER D 79 0.14 16.94 -8.43
CA SER D 79 0.83 17.76 -9.42
C SER D 79 1.62 16.87 -10.38
N MET D 80 1.65 17.32 -11.64
CA MET D 80 2.31 16.63 -12.74
C MET D 80 3.71 17.19 -12.94
N LEU D 81 4.56 16.37 -13.54
CA LEU D 81 5.98 16.69 -13.71
C LEU D 81 6.22 17.23 -15.12
N GLU D 82 6.63 18.49 -15.21
CA GLU D 82 7.11 19.04 -16.47
C GLU D 82 8.38 18.32 -16.91
N LYS D 83 9.41 18.34 -16.07
CA LYS D 83 10.66 17.68 -16.40
C LYS D 83 11.35 17.20 -15.12
N ILE D 84 12.29 16.28 -15.32
CA ILE D 84 13.13 15.75 -14.25
C ILE D 84 14.58 15.97 -14.63
N TYR D 85 15.39 16.38 -13.64
CA TYR D 85 16.81 16.62 -13.83
C TYR D 85 17.58 15.82 -12.80
N ILE D 86 18.58 15.06 -13.26
CA ILE D 86 19.41 14.25 -12.36
C ILE D 86 20.84 14.76 -12.43
N HIS D 87 21.49 14.79 -11.27
CA HIS D 87 22.82 15.38 -11.16
C HIS D 87 23.83 14.62 -12.01
N PRO D 88 24.64 15.30 -12.82
CA PRO D 88 25.74 14.62 -13.52
C PRO D 88 26.76 14.09 -12.52
N ARG D 89 27.63 13.23 -13.02
CA ARG D 89 28.69 12.57 -12.26
C ARG D 89 28.15 11.78 -11.07
N TYR D 90 26.84 11.58 -11.01
CA TYR D 90 26.22 10.75 -9.97
C TYR D 90 26.56 9.29 -10.27
N ASN D 91 27.44 8.70 -9.45
CA ASN D 91 28.02 7.39 -9.72
C ASN D 91 27.31 6.35 -8.85
N TRP D 92 26.25 5.76 -9.39
CA TRP D 92 25.56 4.68 -8.69
C TRP D 92 26.34 3.37 -8.72
N ARG D 93 27.37 3.28 -9.57
CA ARG D 93 28.11 2.03 -9.75
C ARG D 93 28.99 1.68 -8.57
N GLU D 94 28.91 2.36 -7.43
CA GLU D 94 29.68 1.95 -6.27
C GLU D 94 29.05 2.40 -4.96
N ASN D 95 28.48 3.60 -4.93
CA ASN D 95 28.21 4.24 -3.65
C ASN D 95 27.02 5.17 -3.62
N LEU D 96 26.41 5.44 -4.78
CA LEU D 96 25.36 6.46 -4.92
C LEU D 96 25.93 7.86 -4.67
N ASP D 97 27.17 8.09 -5.11
CA ASP D 97 27.78 9.41 -5.00
C ASP D 97 26.96 10.43 -5.78
N ARG D 98 26.74 11.59 -5.15
CA ARG D 98 25.96 12.68 -5.75
C ARG D 98 24.52 12.26 -6.01
N ASP D 99 23.86 11.76 -4.97
CA ASP D 99 22.51 11.21 -5.07
C ASP D 99 21.50 12.33 -4.85
N ILE D 100 21.06 12.95 -5.94
CA ILE D 100 20.11 14.06 -5.85
C ILE D 100 19.43 14.23 -7.21
N ALA D 101 18.20 14.73 -7.18
CA ALA D 101 17.43 14.98 -8.39
C ALA D 101 16.43 16.10 -8.14
N LEU D 102 16.22 16.93 -9.16
CA LEU D 102 15.25 18.01 -9.14
C LEU D 102 14.08 17.68 -10.06
N MET D 103 12.91 18.23 -9.73
CA MET D 103 11.69 17.98 -10.48
C MET D 103 10.93 19.29 -10.66
N LYS D 104 10.58 19.58 -11.91
CA LYS D 104 9.87 20.81 -12.28
C LYS D 104 8.38 20.52 -12.32
N LEU D 105 7.63 21.14 -11.42
CA LEU D 105 6.17 20.97 -11.42
C LEU D 105 5.58 21.59 -12.68
N LYS D 106 4.72 20.83 -13.36
CA LYS D 106 4.06 21.34 -14.57
C LYS D 106 3.34 22.65 -14.29
N LYS D 107 2.50 22.66 -13.26
CA LYS D 107 1.85 23.89 -12.84
C LYS D 107 2.29 24.24 -11.42
N PRO D 108 2.60 25.52 -11.15
CA PRO D 108 3.02 25.90 -9.80
C PRO D 108 1.92 25.66 -8.79
N VAL D 109 2.32 25.28 -7.58
CA VAL D 109 1.39 24.94 -6.51
C VAL D 109 1.20 26.16 -5.62
N ALA D 110 -0.05 26.40 -5.21
CA ALA D 110 -0.37 27.50 -4.32
C ALA D 110 -0.21 27.05 -2.87
N PHE D 111 0.51 27.85 -2.09
CA PHE D 111 0.80 27.48 -0.71
C PHE D 111 -0.46 27.64 0.15
N SER D 112 -0.42 27.04 1.33
CA SER D 112 -1.55 27.09 2.24
C SER D 112 -1.01 26.88 3.66
N ASP D 113 -1.91 26.59 4.60
CA ASP D 113 -1.47 26.11 5.91
C ASP D 113 -0.75 24.77 5.81
N TYR D 114 -0.86 24.07 4.68
CA TYR D 114 -0.38 22.71 4.56
C TYR D 114 0.66 22.51 3.46
N ILE D 115 0.84 23.48 2.57
CA ILE D 115 1.88 23.44 1.55
C ILE D 115 2.75 24.68 1.72
N HIS D 116 4.07 24.48 1.78
CA HIS D 116 5.02 25.57 2.06
C HIS D 116 6.44 25.07 1.87
N PRO D 117 7.30 25.82 1.19
CA PRO D 117 8.64 25.30 0.87
C PRO D 117 9.63 25.44 2.03
N VAL D 118 10.71 24.68 1.91
CA VAL D 118 11.81 24.68 2.86
C VAL D 118 12.95 25.53 2.30
N CYS D 119 13.76 26.08 3.20
CA CYS D 119 14.88 26.91 2.77
C CYS D 119 16.09 26.04 2.44
N LEU D 120 17.00 26.61 1.64
CA LEU D 120 18.25 25.97 1.29
C LEU D 120 19.42 26.73 1.90
N PRO D 121 20.49 26.04 2.29
CA PRO D 121 21.54 26.70 3.07
C PRO D 121 22.50 27.51 2.22
N ASP D 122 23.03 28.57 2.84
CA ASP D 122 24.19 29.28 2.33
C ASP D 122 25.44 28.71 2.99
N ARG D 123 26.61 29.13 2.48
CA ARG D 123 27.87 28.65 3.04
C ARG D 123 27.91 28.80 4.56
N GLU D 124 27.43 29.93 5.07
CA GLU D 124 27.50 30.20 6.49
C GLU D 124 26.56 29.31 7.29
N THR D 125 25.29 29.27 6.89
CA THR D 125 24.32 28.43 7.61
C THR D 125 24.67 26.95 7.50
N ALA D 126 25.12 26.53 6.31
CA ALA D 126 25.48 25.12 6.12
C ALA D 126 26.68 24.75 6.98
N ALA D 127 27.75 25.57 6.94
CA ALA D 127 28.92 25.29 7.76
C ALA D 127 28.62 25.40 9.24
N SER D 128 27.61 26.19 9.61
CA SER D 128 27.30 26.37 11.03
C SER D 128 26.49 25.20 11.58
N LEU D 129 25.49 24.73 10.83
CA LEU D 129 24.55 23.76 11.38
C LEU D 129 24.93 22.31 11.09
N LEU D 130 25.60 22.03 9.97
CA LEU D 130 26.00 20.66 9.67
C LEU D 130 27.28 20.34 10.43
N GLN D 131 27.09 19.98 11.70
CA GLN D 131 28.18 19.59 12.58
C GLN D 131 27.78 18.33 13.32
N ALA D 132 28.74 17.44 13.56
CA ALA D 132 28.46 16.21 14.30
C ALA D 132 27.93 16.54 15.69
N GLY D 133 27.01 15.71 16.18
CA GLY D 133 26.36 15.95 17.44
C GLY D 133 25.15 16.84 17.38
N TYR D 134 24.84 17.43 16.22
CA TYR D 134 23.64 18.21 16.04
C TYR D 134 22.52 17.34 15.51
N LYS D 135 21.30 17.59 15.96
CA LYS D 135 20.15 16.77 15.63
C LYS D 135 19.32 17.43 14.53
N GLY D 136 19.10 16.71 13.45
CA GLY D 136 18.17 17.10 12.41
C GLY D 136 16.93 16.24 12.42
N ARG D 137 16.09 16.46 11.41
CA ARG D 137 14.77 15.84 11.36
C ARG D 137 14.57 15.14 10.01
N VAL D 138 14.03 13.93 10.07
CA VAL D 138 13.77 13.11 8.88
C VAL D 138 12.32 12.63 8.93
N THR D 139 11.62 12.76 7.80
CA THR D 139 10.19 12.47 7.74
C THR D 139 9.87 11.63 6.51
N GLY D 140 8.90 10.73 6.65
CA GLY D 140 8.46 9.94 5.51
C GLY D 140 7.33 8.99 5.87
N TRP D 141 6.86 8.28 4.83
CA TRP D 141 5.85 7.24 4.93
C TRP D 141 6.45 5.86 4.72
N GLY D 142 7.72 5.68 5.08
CA GLY D 142 8.41 4.43 4.78
C GLY D 142 8.16 3.35 5.81
N ASN D 143 8.75 2.18 5.53
CA ASN D 143 8.63 1.02 6.41
C ASN D 143 9.02 1.39 7.84
N LEU D 144 8.09 1.16 8.77
CA LEU D 144 8.36 1.47 10.17
C LEU D 144 9.42 0.56 10.76
N LYS D 145 9.65 -0.61 10.17
CA LYS D 145 10.70 -1.53 10.59
C LYS D 145 11.35 -2.14 9.35
N GLU D 146 12.47 -2.82 9.59
CA GLU D 146 13.26 -3.40 8.50
C GLU D 146 12.39 -4.25 7.58
N THR D 147 11.60 -5.16 8.17
CA THR D 147 10.69 -6.00 7.42
C THR D 147 9.37 -6.08 8.17
N TRP D 148 8.29 -6.32 7.43
CA TRP D 148 6.96 -6.42 8.03
C TRP D 148 6.77 -7.82 8.59
N THR D 149 6.27 -7.90 9.82
CA THR D 149 5.91 -9.17 10.43
C THR D 149 4.49 -9.06 10.96
N ALA D 150 3.60 -9.93 10.47
CA ALA D 150 2.19 -9.86 10.85
C ALA D 150 2.00 -10.03 12.34
N ASN D 151 2.85 -10.84 12.99
CA ASN D 151 2.78 -10.99 14.44
C ASN D 151 2.96 -9.65 15.15
N VAL D 152 3.96 -8.88 14.73
CA VAL D 152 4.19 -7.58 15.33
C VAL D 152 3.36 -6.48 14.66
N GLY D 153 3.09 -6.62 13.36
CA GLY D 153 2.51 -5.52 12.62
C GLY D 153 3.59 -4.58 12.13
N LYS D 154 3.25 -3.29 12.09
CA LYS D 154 4.17 -2.24 11.67
C LYS D 154 4.72 -2.48 10.28
N GLY D 155 3.92 -2.13 9.27
CA GLY D 155 4.39 -2.12 7.90
C GLY D 155 4.78 -0.72 7.47
N GLN D 156 3.88 -0.02 6.80
CA GLN D 156 4.06 1.40 6.50
C GLN D 156 2.98 2.21 7.22
N PRO D 157 3.27 3.46 7.58
CA PRO D 157 2.38 4.20 8.47
C PRO D 157 1.16 4.76 7.74
N SER D 158 0.11 5.00 8.53
CA SER D 158 -1.08 5.65 7.99
C SER D 158 -0.86 7.15 7.78
N VAL D 159 -0.16 7.80 8.72
CA VAL D 159 0.13 9.22 8.60
C VAL D 159 1.61 9.40 8.32
N LEU D 160 2.09 10.65 8.39
CA LEU D 160 3.51 10.92 8.22
C LEU D 160 4.28 10.58 9.49
N GLN D 161 5.46 10.02 9.33
CA GLN D 161 6.32 9.69 10.46
C GLN D 161 7.55 10.60 10.47
N VAL D 162 8.06 10.87 11.67
CA VAL D 162 9.11 11.87 11.87
C VAL D 162 10.05 11.39 12.97
N VAL D 163 11.36 11.53 12.73
CA VAL D 163 12.41 11.25 13.70
C VAL D 163 13.32 12.46 13.80
N ASN D 164 13.96 12.58 14.97
CA ASN D 164 15.06 13.52 15.19
C ASN D 164 16.32 12.69 15.39
N LEU D 165 17.26 12.80 14.45
CA LEU D 165 18.49 12.01 14.48
C LEU D 165 19.71 12.91 14.59
N PRO D 166 20.68 12.55 15.43
CA PRO D 166 21.92 13.32 15.52
C PRO D 166 22.93 12.95 14.44
N ILE D 167 23.67 13.95 14.00
CA ILE D 167 24.69 13.77 12.98
C ILE D 167 25.91 13.10 13.59
N VAL D 168 26.61 12.30 12.78
CA VAL D 168 27.73 11.50 13.24
C VAL D 168 28.99 11.94 12.50
N GLU D 169 30.11 11.93 13.22
CA GLU D 169 31.40 12.34 12.68
C GLU D 169 31.74 11.50 11.45
N ARG D 170 32.25 12.17 10.42
CA ARG D 170 32.58 11.49 9.16
C ARG D 170 33.53 10.31 9.33
N PRO D 171 34.56 10.34 10.20
CA PRO D 171 35.35 9.12 10.42
C PRO D 171 34.53 7.96 10.96
N VAL D 172 33.62 8.21 11.90
CA VAL D 172 32.76 7.13 12.40
C VAL D 172 31.88 6.61 11.26
N CYS D 173 31.38 7.52 10.42
CA CYS D 173 30.55 7.11 9.29
C CYS D 173 31.31 6.19 8.35
N LYS D 174 32.54 6.57 7.99
CA LYS D 174 33.32 5.75 7.07
C LYS D 174 33.97 4.55 7.75
N ASP D 175 33.90 4.46 9.08
CA ASP D 175 34.26 3.22 9.76
C ASP D 175 33.08 2.27 9.89
N SER D 176 31.85 2.79 9.81
CA SER D 176 30.68 1.91 9.90
C SER D 176 30.48 1.09 8.63
N THR D 177 30.88 1.62 7.48
CA THR D 177 30.66 0.94 6.21
C THR D 177 31.97 0.87 5.41
N ARG D 178 32.01 -0.07 4.48
CA ARG D 178 33.12 -0.20 3.55
C ARG D 178 32.85 0.49 2.21
N ILE D 179 31.65 1.01 2.01
CA ILE D 179 31.33 1.72 0.78
C ILE D 179 32.10 3.03 0.77
N ARG D 180 32.93 3.22 -0.25
CA ARG D 180 33.70 4.45 -0.41
C ARG D 180 32.80 5.66 -0.37
N ILE D 181 32.67 6.28 0.80
CA ILE D 181 31.87 7.49 0.94
C ILE D 181 32.63 8.66 0.36
N THR D 182 31.96 9.79 0.17
CA THR D 182 32.54 10.96 -0.46
C THR D 182 32.27 12.19 0.42
N ASP D 183 32.81 13.33 0.00
CA ASP D 183 32.50 14.60 0.62
C ASP D 183 31.13 15.13 0.23
N ASN D 184 30.41 14.42 -0.64
CA ASN D 184 29.09 14.81 -1.09
C ASN D 184 27.98 14.23 -0.24
N MET D 185 28.30 13.44 0.79
CA MET D 185 27.28 12.80 1.62
C MET D 185 27.74 12.80 3.07
N PHE D 186 26.77 12.83 3.97
CA PHE D 186 27.02 12.77 5.41
C PHE D 186 26.08 11.77 6.05
N CYS D 187 26.52 11.15 7.13
CA CYS D 187 25.71 10.13 7.80
C CYS D 187 25.25 10.63 9.16
N ALA D 188 24.07 10.16 9.55
CA ALA D 188 23.46 10.52 10.83
C ALA D 188 22.76 9.30 11.41
N GLY D 189 22.41 9.42 12.67
CA GLY D 189 21.89 8.30 13.44
C GLY D 189 22.44 8.34 14.84
N TYR D 190 21.85 7.52 15.71
CA TYR D 190 22.30 7.51 17.09
C TYR D 190 23.58 6.69 17.23
N LYS D 191 23.67 5.87 18.26
CA LYS D 191 24.88 5.09 18.53
C LYS D 191 24.54 3.99 19.50
N PRO D 192 25.31 2.90 19.51
CA PRO D 192 25.02 1.82 20.47
C PRO D 192 24.97 2.28 21.91
N ASP D 193 25.77 3.28 22.27
CA ASP D 193 25.96 3.69 23.66
C ASP D 193 25.12 4.90 24.06
N GLU D 194 24.01 5.16 23.35
CA GLU D 194 23.24 6.37 23.59
C GLU D 194 21.84 6.13 24.12
N GLY D 195 21.35 4.89 24.14
CA GLY D 195 20.03 4.62 24.65
C GLY D 195 18.91 5.22 23.81
N LYS D 196 19.06 5.20 22.49
CA LYS D 196 18.06 5.75 21.59
C LYS D 196 18.27 5.16 20.21
N ARG D 197 17.19 5.02 19.46
CA ARG D 197 17.18 4.41 18.14
C ARG D 197 16.60 5.38 17.12
N GLY D 198 16.32 4.86 15.93
CA GLY D 198 15.73 5.64 14.85
C GLY D 198 16.55 5.56 13.59
N ASP D 199 15.87 5.62 12.45
CA ASP D 199 16.50 5.57 11.14
C ASP D 199 15.47 5.79 10.04
N ALA D 200 15.90 6.34 8.90
CA ALA D 200 15.08 6.26 7.71
C ALA D 200 15.09 4.82 7.21
N CYS D 201 14.08 4.48 6.40
CA CYS D 201 13.95 3.09 5.97
C CYS D 201 13.42 3.06 4.53
N GLU D 202 12.90 1.91 4.13
CA GLU D 202 12.43 1.72 2.75
C GLU D 202 11.20 2.59 2.49
N GLY D 203 11.26 3.39 1.43
CA GLY D 203 10.21 4.32 1.09
C GLY D 203 10.46 5.74 1.55
N ASP D 204 11.25 5.92 2.60
CA ASP D 204 11.64 7.24 3.06
C ASP D 204 12.72 7.88 2.19
N SER D 205 13.25 7.14 1.22
CA SER D 205 14.32 7.65 0.37
C SER D 205 13.84 8.90 -0.39
N GLY D 206 14.80 9.74 -0.76
CA GLY D 206 14.49 10.98 -1.45
C GLY D 206 13.84 12.05 -0.59
N GLY D 207 13.53 11.76 0.66
CA GLY D 207 12.85 12.69 1.52
C GLY D 207 13.77 13.74 2.11
N PRO D 208 13.24 14.56 3.03
CA PRO D 208 14.00 15.70 3.54
C PRO D 208 14.69 15.46 4.87
N PHE D 209 15.93 15.93 4.99
CA PHE D 209 16.64 16.05 6.26
C PHE D 209 16.74 17.54 6.56
N VAL D 210 16.08 18.00 7.63
CA VAL D 210 16.00 19.42 7.92
C VAL D 210 16.50 19.69 9.33
N MET D 211 16.88 20.96 9.55
CA MET D 211 17.25 21.47 10.86
C MET D 211 16.68 22.87 11.00
N LYS D 212 16.32 23.24 12.23
CA LYS D 212 15.76 24.57 12.51
C LYS D 212 16.86 25.49 13.01
N SER D 213 16.97 26.65 12.37
CA SER D 213 18.02 27.61 12.72
C SER D 213 17.63 28.36 13.99
N PRO D 214 18.45 28.33 15.04
CA PRO D 214 18.13 29.11 16.25
C PRO D 214 18.29 30.61 16.07
N PHE D 215 18.67 31.07 14.87
CA PHE D 215 18.88 32.48 14.58
C PHE D 215 17.67 33.14 13.93
N ASN D 216 16.97 32.43 13.05
CA ASN D 216 15.79 32.95 12.39
C ASN D 216 14.58 32.03 12.50
N ASN D 217 14.71 30.94 13.26
CA ASN D 217 13.59 30.00 13.48
C ASN D 217 13.07 29.43 12.16
N ARG D 218 13.98 29.23 11.20
CA ARG D 218 13.63 28.73 9.89
C ARG D 218 14.19 27.33 9.69
N TRP D 219 13.44 26.50 8.98
CA TRP D 219 13.83 25.12 8.70
C TRP D 219 14.57 25.06 7.37
N TYR D 220 15.80 24.57 7.40
CA TYR D 220 16.64 24.40 6.23
C TYR D 220 16.86 22.91 5.96
N GLN D 221 17.00 22.56 4.69
CA GLN D 221 17.24 21.18 4.29
C GLN D 221 18.73 20.98 4.05
N MET D 222 19.35 20.16 4.88
CA MET D 222 20.77 19.87 4.79
C MET D 222 21.08 18.54 4.13
N GLY D 223 20.09 17.66 3.98
CA GLY D 223 20.34 16.35 3.44
C GLY D 223 19.11 15.74 2.81
N ILE D 224 19.35 14.74 1.97
CA ILE D 224 18.30 13.96 1.32
C ILE D 224 18.57 12.49 1.59
N VAL D 225 17.53 11.78 2.07
CA VAL D 225 17.65 10.37 2.42
C VAL D 225 18.19 9.57 1.25
N SER D 226 19.41 9.06 1.39
CA SER D 226 20.08 8.34 0.31
C SER D 226 20.08 6.82 0.56
N TRP D 227 20.88 6.34 1.51
CA TRP D 227 21.02 4.90 1.65
C TRP D 227 21.32 4.52 3.10
N GLY D 228 21.49 3.23 3.32
CA GLY D 228 21.73 2.66 4.63
C GLY D 228 21.57 1.16 4.65
N GLU D 229 22.56 0.44 5.20
CA GLU D 229 22.55 -1.01 5.23
C GLU D 229 21.47 -1.49 6.19
N GLY D 230 20.33 -1.88 5.65
CA GLY D 230 19.19 -2.22 6.47
C GLY D 230 18.55 -0.97 7.07
N CYS D 231 17.79 -1.18 8.14
CA CYS D 231 17.12 -0.11 8.84
C CYS D 231 17.34 -0.25 10.34
N ASP D 232 17.83 0.83 10.96
CA ASP D 232 18.02 0.90 12.41
C ASP D 232 18.93 -0.22 12.89
N ARG D 233 20.12 -0.29 12.31
CA ARG D 233 21.12 -1.28 12.67
C ARG D 233 22.15 -0.64 13.60
N ASP D 234 22.58 -1.40 14.60
CA ASP D 234 23.56 -0.91 15.56
C ASP D 234 24.89 -0.67 14.87
N GLY D 235 25.57 0.41 15.27
CA GLY D 235 26.79 0.80 14.59
C GLY D 235 26.61 1.15 13.12
N LYS D 236 25.37 1.19 12.63
CA LYS D 236 25.08 1.58 11.25
C LYS D 236 24.23 2.84 11.26
N TYR D 237 24.46 3.70 10.26
CA TYR D 237 23.85 5.02 10.24
C TYR D 237 23.31 5.32 8.85
N GLY D 238 22.26 6.12 8.80
CA GLY D 238 21.69 6.51 7.52
C GLY D 238 22.55 7.56 6.84
N PHE D 239 22.77 7.37 5.54
CA PHE D 239 23.59 8.28 4.75
C PHE D 239 22.67 9.14 3.88
N TYR D 240 22.90 10.45 3.92
CA TYR D 240 22.10 11.44 3.24
C TYR D 240 23.00 12.29 2.35
N THR D 241 22.42 12.80 1.27
CA THR D 241 23.18 13.63 0.34
C THR D 241 23.45 15.00 0.95
N HIS D 242 24.73 15.32 1.14
CA HIS D 242 25.12 16.66 1.56
C HIS D 242 24.63 17.67 0.53
N VAL D 243 23.44 18.23 0.78
CA VAL D 243 22.78 19.10 -0.20
C VAL D 243 23.73 20.18 -0.68
N PHE D 244 24.31 20.92 0.27
CA PHE D 244 24.95 22.19 -0.07
C PHE D 244 26.06 22.02 -1.09
N ARG D 245 26.83 20.92 -0.99
CA ARG D 245 27.95 20.71 -1.90
C ARG D 245 27.53 20.83 -3.35
N LEU D 246 26.32 20.37 -3.67
CA LEU D 246 25.87 20.36 -5.06
C LEU D 246 24.90 21.49 -5.38
N LYS D 247 24.76 22.46 -4.46
CA LYS D 247 23.83 23.56 -4.70
C LYS D 247 24.18 24.31 -5.97
N LYS D 248 25.45 24.36 -6.35
CA LYS D 248 25.85 24.94 -7.63
C LYS D 248 25.01 24.36 -8.76
N TRP D 249 24.98 23.03 -8.88
CA TRP D 249 24.14 22.39 -9.86
C TRP D 249 22.68 22.76 -9.65
N ILE D 250 22.22 22.73 -8.40
CA ILE D 250 20.84 23.13 -8.09
C ILE D 250 20.59 24.54 -8.59
N GLN D 251 21.59 25.41 -8.51
CA GLN D 251 21.40 26.78 -8.95
C GLN D 251 21.65 26.94 -10.44
N LYS D 252 22.31 25.97 -11.10
CA LYS D 252 22.34 25.98 -12.55
C LYS D 252 20.94 25.79 -13.11
N VAL D 253 20.27 24.72 -12.69
CA VAL D 253 18.83 24.57 -12.89
C VAL D 253 18.15 25.62 -12.03
N ILE D 254 16.83 25.77 -12.16
CA ILE D 254 16.02 26.75 -11.42
C ILE D 254 16.35 28.16 -11.89
N ASP D 255 17.59 28.38 -12.35
CA ASP D 255 17.99 29.61 -13.01
C ASP D 255 18.23 29.45 -14.50
N GLN D 256 18.30 28.22 -15.00
CA GLN D 256 18.39 27.93 -16.43
C GLN D 256 17.07 27.44 -17.00
N PHE D 257 16.32 26.66 -16.23
CA PHE D 257 15.06 26.09 -16.68
C PHE D 257 13.86 26.58 -15.86
N GLY D 258 14.09 27.39 -14.82
CA GLY D 258 13.04 27.78 -13.91
C GLY D 258 12.00 28.73 -14.47
#